data_5M6I
#
_entry.id   5M6I
#
_cell.length_a   229.378
_cell.length_b   229.378
_cell.length_c   64.429
_cell.angle_alpha   90.00
_cell.angle_beta   90.00
_cell.angle_gamma   90.00
#
_symmetry.space_group_name_H-M   'I 4 2 2'
#
loop_
_entity.id
_entity.type
_entity.pdbx_description
1 polymer 'light chain dimer'
2 polymer 'light chain dimer'
3 non-polymer 'SODIUM ION'
4 water water
#
loop_
_entity_poly.entity_id
_entity_poly.type
_entity_poly.pdbx_seq_one_letter_code
_entity_poly.pdbx_strand_id
1 'polypeptide(L)'
;QSALTQPASVSGSPGQSITISCTGTSSDVGAYNLVSWYQQHPGKTPKLLIYEVSKRPSGVSNRFSGSKSGNTASLTISGL
QPEDEADYYCCSNAGSYTHVFGTGTKVTVLVQPKANPTVTLFPPSSEELQANKATLVCLISDFYPGAVTVAWKADGSPVK
AGVETTKPSKQSNNKYAASSYLSLTPEQWKSHRSYSCQVTHEGSTVEKTVAPTECS
;
B
2 'polypeptide(L)'
;(PCA)SALTQPASVSGSPGQSITISCTGTSSDVGAYNLVSWYQQHPGKTPKLLIYEVSKRPSGVSNRFSGSKSGNTASLT
ISGLQPEDEADYYCCSNAGSYTHVFGTGTKVTVLVQPKANPTVTLFPPSSEELQANKATLVCLISDFYPGAVTVAWKADG
SPVKAGVETTKPSKQSNNKYAASSYLSLTPEQWKSHRSYSCQVTHEGSTVEKTVAPTECS
;
A
#
loop_
_chem_comp.id
_chem_comp.type
_chem_comp.name
_chem_comp.formula
NA non-polymer 'SODIUM ION' 'Na 1'
#
# COMPACT_ATOMS: atom_id res chain seq x y z
N SER A 2 -14.03 9.25 -13.85
CA SER A 2 -12.70 9.74 -13.49
C SER A 2 -12.51 10.04 -12.01
N ALA A 3 -11.43 9.58 -11.47
CA ALA A 3 -11.19 9.75 -10.04
C ALA A 3 -11.11 11.23 -9.67
N LEU A 4 -11.38 11.50 -8.39
CA LEU A 4 -11.24 12.83 -7.83
C LEU A 4 -9.80 13.04 -7.36
N THR A 5 -9.33 14.28 -7.46
CA THR A 5 -7.93 14.61 -7.22
C THR A 5 -7.74 15.12 -5.79
N GLN A 6 -6.82 14.48 -5.06
CA GLN A 6 -6.43 14.86 -3.71
C GLN A 6 -4.92 14.93 -3.61
N PRO A 7 -4.40 15.79 -2.74
CA PRO A 7 -2.96 15.73 -2.45
C PRO A 7 -2.61 14.41 -1.78
N ALA A 8 -1.42 13.90 -2.10
CA ALA A 8 -1.01 12.61 -1.56
C ALA A 8 -0.87 12.63 -0.05
N SER A 9 -0.42 13.75 0.52
CA SER A 9 -0.17 13.79 1.95
C SER A 9 -0.24 15.23 2.44
N VAL A 10 -0.37 15.36 3.76
CA VAL A 10 -0.25 16.62 4.47
C VAL A 10 0.12 16.28 5.91
N SER A 11 0.80 17.21 6.57
CA SER A 11 1.18 17.01 7.96
C SER A 11 0.94 18.29 8.76
N GLY A 12 0.80 18.12 10.07
CA GLY A 12 0.61 19.23 10.98
C GLY A 12 0.95 18.80 12.39
N SER A 13 1.09 19.78 13.23
CA SER A 13 1.41 19.48 14.62
C SER A 13 0.13 19.30 15.43
N PRO A 14 0.20 18.59 16.55
CA PRO A 14 -0.98 18.45 17.42
C PRO A 14 -1.57 19.80 17.79
N GLY A 15 -2.89 19.91 17.70
CA GLY A 15 -3.58 21.15 17.98
C GLY A 15 -3.74 22.08 16.79
N GLN A 16 -3.03 21.84 15.69
CA GLN A 16 -3.16 22.67 14.51
C GLN A 16 -4.41 22.29 13.71
N SER A 17 -4.81 23.18 12.81
CA SER A 17 -5.90 22.93 11.88
C SER A 17 -5.33 22.56 10.51
N ILE A 18 -5.82 21.49 9.92
CA ILE A 18 -5.43 21.18 8.58
C ILE A 18 -6.65 21.10 7.66
N THR A 19 -6.40 21.28 6.40
CA THR A 19 -7.45 21.26 5.38
C THR A 19 -7.05 20.36 4.22
N ILE A 20 -7.97 19.48 3.80
CA ILE A 20 -7.77 18.57 2.68
C ILE A 20 -8.75 18.96 1.59
N SER A 21 -8.24 19.14 0.38
CA SER A 21 -9.07 19.49 -0.77
C SER A 21 -9.20 18.32 -1.72
N CYS A 22 -10.28 18.33 -2.48
CA CYS A 22 -10.67 17.24 -3.38
C CYS A 22 -11.37 17.82 -4.60
N THR A 23 -10.74 17.69 -5.76
CA THR A 23 -11.17 18.39 -6.97
C THR A 23 -11.76 17.41 -7.97
N GLY A 24 -12.98 17.70 -8.43
CA GLY A 24 -13.61 16.91 -9.47
C GLY A 24 -14.01 17.76 -10.67
N THR A 25 -15.16 17.47 -11.26
CA THR A 25 -15.65 18.20 -12.43
C THR A 25 -17.04 18.75 -12.13
N SER A 26 -17.58 19.47 -13.11
CA SER A 26 -18.95 19.98 -13.02
C SER A 26 -19.99 18.88 -13.17
N SER A 27 -19.58 17.65 -13.48
CA SER A 27 -20.49 16.53 -13.58
C SER A 27 -20.59 15.70 -12.30
N ASP A 28 -19.82 16.07 -11.31
CA ASP A 28 -19.84 15.38 -10.03
C ASP A 28 -19.79 16.19 -8.76
N VAL A 29 -18.61 16.68 -8.41
CA VAL A 29 -18.47 17.56 -7.25
C VAL A 29 -19.23 18.87 -7.46
N GLY A 30 -19.18 19.41 -8.67
CA GLY A 30 -19.86 20.65 -8.98
C GLY A 30 -21.34 20.52 -9.30
N ALA A 31 -21.81 19.31 -9.60
CA ALA A 31 -23.20 19.12 -10.02
C ALA A 31 -24.16 18.92 -8.86
N TYR A 32 -23.69 18.34 -7.75
CA TYR A 32 -24.59 17.98 -6.66
C TYR A 32 -23.94 18.36 -5.33
N ASN A 33 -24.78 18.43 -4.30
CA ASN A 33 -24.31 18.56 -2.92
C ASN A 33 -24.32 17.19 -2.25
N LEU A 34 -23.56 16.28 -2.86
CA LEU A 34 -23.49 14.87 -2.48
C LEU A 34 -22.04 14.44 -2.31
N VAL A 35 -21.26 15.26 -1.62
CA VAL A 35 -19.87 14.95 -1.32
C VAL A 35 -19.80 14.37 0.09
N SER A 36 -19.09 13.25 0.24
CA SER A 36 -18.86 12.62 1.53
C SER A 36 -17.37 12.41 1.75
N TRP A 37 -16.96 12.44 3.01
CA TRP A 37 -15.57 12.26 3.41
C TRP A 37 -15.45 11.05 4.33
N TYR A 38 -14.42 10.24 4.10
CA TYR A 38 -14.17 9.04 4.88
C TYR A 38 -12.78 9.08 5.49
N GLN A 39 -12.69 8.57 6.72
CA GLN A 39 -11.42 8.35 7.41
C GLN A 39 -11.17 6.85 7.46
N GLN A 40 -9.95 6.43 7.08
CA GLN A 40 -9.60 5.02 7.08
C GLN A 40 -8.23 4.83 7.71
N HIS A 41 -8.19 4.16 8.85
CA HIS A 41 -6.93 3.66 9.36
C HIS A 41 -6.56 2.37 8.64
N PRO A 42 -5.26 2.10 8.47
CA PRO A 42 -4.84 0.90 7.72
C PRO A 42 -5.43 -0.38 8.31
N GLY A 43 -6.14 -1.13 7.47
CA GLY A 43 -6.72 -2.40 7.86
C GLY A 43 -8.11 -2.32 8.45
N LYS A 44 -8.66 -1.12 8.63
CA LYS A 44 -9.96 -0.96 9.27
C LYS A 44 -10.99 -0.47 8.25
N THR A 45 -12.25 -0.73 8.54
CA THR A 45 -13.24 -0.26 7.61
C THR A 45 -13.33 1.26 7.70
N PRO A 46 -13.65 1.90 6.59
CA PRO A 46 -13.74 3.36 6.55
C PRO A 46 -14.82 3.89 7.48
N LYS A 47 -14.57 5.06 8.06
CA LYS A 47 -15.54 5.76 8.90
C LYS A 47 -16.03 7.01 8.17
N LEU A 48 -17.34 7.10 8.02
CA LEU A 48 -17.94 8.29 7.40
C LEU A 48 -17.84 9.46 8.36
N LEU A 49 -17.20 10.54 7.92
CA LEU A 49 -17.05 11.77 8.70
C LEU A 49 -18.01 12.85 8.27
N ILE A 50 -18.24 13.00 6.97
CA ILE A 50 -19.05 14.08 6.42
C ILE A 50 -19.87 13.49 5.30
N TYR A 51 -21.14 13.91 5.19
CA TYR A 51 -21.97 13.56 4.06
C TYR A 51 -22.75 14.80 3.63
N GLU A 52 -23.12 14.82 2.35
CA GLU A 52 -23.82 15.95 1.75
C GLU A 52 -23.07 17.25 2.03
N VAL A 53 -21.77 17.24 1.68
CA VAL A 53 -20.87 18.38 1.71
C VAL A 53 -20.46 18.75 3.13
N SER A 54 -21.43 18.91 4.04
CA SER A 54 -21.13 19.53 5.32
C SER A 54 -21.83 18.92 6.52
N LYS A 55 -22.55 17.81 6.37
CA LYS A 55 -23.29 17.23 7.48
C LYS A 55 -22.48 16.16 8.18
N ARG A 56 -22.56 16.15 9.52
CA ARG A 56 -21.83 15.19 10.35
C ARG A 56 -22.78 14.11 10.84
N PRO A 57 -22.45 12.83 10.66
CA PRO A 57 -23.24 11.77 11.28
C PRO A 57 -23.18 11.87 12.80
N SER A 58 -24.13 11.19 13.45
CA SER A 58 -24.17 11.18 14.90
C SER A 58 -22.88 10.58 15.44
N GLY A 59 -22.31 11.22 16.47
CA GLY A 59 -21.11 10.73 17.11
C GLY A 59 -19.81 11.14 16.48
N VAL A 60 -19.83 11.87 15.37
CA VAL A 60 -18.62 12.39 14.74
C VAL A 60 -18.29 13.74 15.37
N SER A 61 -17.05 13.90 15.81
CA SER A 61 -16.63 15.12 16.47
C SER A 61 -16.83 16.33 15.56
N ASN A 62 -17.16 17.47 16.18
CA ASN A 62 -17.30 18.73 15.47
C ASN A 62 -15.95 19.32 15.06
N ARG A 63 -14.84 18.67 15.40
CA ARG A 63 -13.55 19.07 14.87
C ARG A 63 -13.48 18.87 13.35
N PHE A 64 -14.31 17.99 12.81
CA PHE A 64 -14.38 17.75 11.38
C PHE A 64 -15.45 18.63 10.76
N SER A 65 -15.11 19.35 9.70
CA SER A 65 -16.06 20.18 8.97
C SER A 65 -15.80 20.03 7.48
N GLY A 66 -16.84 20.26 6.70
CA GLY A 66 -16.76 20.16 5.26
C GLY A 66 -17.36 21.36 4.59
N SER A 67 -16.87 21.64 3.38
CA SER A 67 -17.37 22.76 2.58
C SER A 67 -17.07 22.47 1.11
N LYS A 68 -17.51 23.38 0.24
CA LYS A 68 -17.33 23.19 -1.18
C LYS A 68 -17.37 24.54 -1.88
N SER A 69 -16.58 24.65 -2.95
CA SER A 69 -16.58 25.84 -3.80
C SER A 69 -16.29 25.39 -5.22
N GLY A 70 -17.27 25.55 -6.11
CA GLY A 70 -17.11 25.08 -7.47
C GLY A 70 -16.97 23.57 -7.50
N ASN A 71 -15.94 23.08 -8.20
CA ASN A 71 -15.70 21.66 -8.36
C ASN A 71 -14.70 21.11 -7.34
N THR A 72 -14.48 21.82 -6.23
CA THR A 72 -13.53 21.39 -5.22
C THR A 72 -14.20 21.38 -3.86
N ALA A 73 -14.17 20.24 -3.20
CA ALA A 73 -14.65 20.09 -1.83
C ALA A 73 -13.48 20.07 -0.87
N SER A 74 -13.71 20.53 0.36
CA SER A 74 -12.66 20.66 1.36
C SER A 74 -13.11 20.05 2.68
N LEU A 75 -12.20 19.30 3.30
CA LEU A 75 -12.37 18.77 4.65
C LEU A 75 -11.37 19.48 5.55
N THR A 76 -11.87 20.04 6.66
CA THR A 76 -11.02 20.71 7.64
C THR A 76 -11.02 19.93 8.94
N ILE A 77 -9.84 19.67 9.49
CA ILE A 77 -9.68 19.03 10.78
C ILE A 77 -9.01 20.03 11.71
N SER A 78 -9.72 20.44 12.76
CA SER A 78 -9.20 21.37 13.75
C SER A 78 -8.81 20.61 15.02
N GLY A 79 -7.91 21.21 15.79
CA GLY A 79 -7.43 20.54 17.00
C GLY A 79 -6.83 19.19 16.74
N LEU A 80 -5.96 19.10 15.73
CA LEU A 80 -5.36 17.86 15.27
C LEU A 80 -4.86 17.02 16.44
N GLN A 81 -5.27 15.74 16.46
CA GLN A 81 -4.89 14.81 17.49
C GLN A 81 -4.18 13.60 16.88
N PRO A 82 -3.34 12.92 17.65
CA PRO A 82 -2.62 11.75 17.09
C PRO A 82 -3.53 10.70 16.48
N GLU A 83 -4.72 10.49 17.05
CA GLU A 83 -5.65 9.52 16.48
C GLU A 83 -6.18 9.94 15.12
N ASP A 84 -5.98 11.20 14.72
CA ASP A 84 -6.39 11.68 13.41
C ASP A 84 -5.42 11.25 12.30
N GLU A 85 -4.31 10.59 12.65
CA GLU A 85 -3.37 10.14 11.64
C GLU A 85 -3.97 8.96 10.88
N ALA A 86 -4.43 9.21 9.66
CA ALA A 86 -5.12 8.19 8.87
C ALA A 86 -5.17 8.66 7.42
N ASP A 87 -5.78 7.83 6.58
CA ASP A 87 -6.05 8.18 5.18
C ASP A 87 -7.46 8.75 5.08
N TYR A 88 -7.59 9.83 4.30
CA TYR A 88 -8.85 10.52 4.13
C TYR A 88 -9.15 10.63 2.64
N TYR A 89 -10.31 10.13 2.22
CA TYR A 89 -10.73 10.23 0.83
C TYR A 89 -12.14 10.79 0.75
N CYS A 90 -12.36 11.58 -0.31
CA CYS A 90 -13.64 12.14 -0.66
C CYS A 90 -14.40 11.20 -1.59
N CYS A 91 -15.73 11.34 -1.59
CA CYS A 91 -16.59 10.61 -2.50
C CYS A 91 -17.71 11.53 -2.96
N SER A 92 -18.08 11.42 -4.23
CA SER A 92 -19.13 12.25 -4.79
C SER A 92 -19.93 11.46 -5.81
N ASN A 93 -21.23 11.75 -5.86
CA ASN A 93 -22.07 11.22 -6.93
C ASN A 93 -21.66 11.84 -8.26
N ALA A 94 -21.56 10.99 -9.28
CA ALA A 94 -21.43 11.43 -10.67
C ALA A 94 -22.75 11.26 -11.42
N GLY A 95 -23.84 11.14 -10.69
CA GLY A 95 -25.11 10.72 -11.23
C GLY A 95 -25.95 10.13 -10.11
N SER A 96 -27.08 9.56 -10.50
CA SER A 96 -27.99 9.01 -9.51
C SER A 96 -27.35 7.84 -8.76
N TYR A 97 -26.70 6.93 -9.48
CA TYR A 97 -26.16 5.73 -8.88
C TYR A 97 -24.64 5.61 -8.96
N THR A 98 -23.98 6.36 -9.83
CA THR A 98 -22.54 6.29 -9.99
C THR A 98 -21.85 7.23 -9.00
N HIS A 99 -20.73 6.77 -8.45
CA HIS A 99 -19.93 7.57 -7.54
C HIS A 99 -18.48 7.58 -8.00
N VAL A 100 -17.80 8.70 -7.75
CA VAL A 100 -16.39 8.83 -8.03
C VAL A 100 -15.68 9.09 -6.71
N PHE A 101 -14.43 8.62 -6.62
CA PHE A 101 -13.69 8.65 -5.37
C PHE A 101 -12.37 9.39 -5.53
N GLY A 102 -11.98 10.11 -4.49
CA GLY A 102 -10.66 10.71 -4.47
C GLY A 102 -9.57 9.67 -4.25
N THR A 103 -8.34 10.07 -4.56
CA THR A 103 -7.21 9.16 -4.44
C THR A 103 -6.68 9.02 -3.02
N GLY A 104 -7.17 9.83 -2.09
CA GLY A 104 -6.78 9.70 -0.70
C GLY A 104 -5.63 10.59 -0.28
N THR A 105 -5.75 11.21 0.88
CA THR A 105 -4.70 12.04 1.46
C THR A 105 -4.29 11.45 2.80
N LYS A 106 -3.02 11.08 2.93
CA LYS A 106 -2.48 10.61 4.19
C LYS A 106 -2.18 11.81 5.09
N VAL A 107 -2.79 11.83 6.27
CA VAL A 107 -2.56 12.88 7.25
C VAL A 107 -1.56 12.38 8.26
N THR A 108 -0.40 13.04 8.32
CA THR A 108 0.63 12.74 9.29
C THR A 108 0.55 13.75 10.43
N VAL A 109 0.46 13.25 11.67
CA VAL A 109 0.51 14.10 12.84
C VAL A 109 1.93 14.01 13.39
N LEU A 110 2.64 15.13 13.34
CA LEU A 110 4.07 15.16 13.68
C LEU A 110 4.26 14.84 15.16
N VAL A 111 4.90 13.71 15.44
CA VAL A 111 5.13 13.25 16.81
C VAL A 111 6.61 13.32 17.20
N GLN A 112 7.48 13.84 16.32
CA GLN A 112 8.91 13.91 16.59
C GLN A 112 9.56 14.83 15.56
N PRO A 113 10.80 15.28 15.76
CA PRO A 113 11.39 16.23 14.82
C PRO A 113 11.66 15.60 13.47
N LYS A 114 11.60 16.44 12.43
CA LYS A 114 11.86 15.98 11.08
C LYS A 114 13.33 15.60 10.93
N ALA A 115 13.57 14.47 10.27
CA ALA A 115 14.90 13.90 10.16
C ALA A 115 15.21 13.57 8.71
N ASN A 116 16.36 14.02 8.22
CA ASN A 116 16.75 13.70 6.87
C ASN A 116 17.40 12.32 6.81
N PRO A 117 17.22 11.59 5.71
CA PRO A 117 17.61 10.18 5.68
C PRO A 117 19.11 9.96 5.55
N THR A 118 19.56 8.85 6.14
CA THR A 118 20.88 8.31 5.84
C THR A 118 20.77 7.44 4.60
N VAL A 119 21.65 7.65 3.63
CA VAL A 119 21.62 6.94 2.36
C VAL A 119 22.90 6.14 2.21
N THR A 120 22.78 4.83 2.01
CA THR A 120 23.91 3.93 1.83
C THR A 120 23.69 3.12 0.56
N LEU A 121 24.58 3.26 -0.41
CA LEU A 121 24.46 2.56 -1.68
C LEU A 121 25.44 1.39 -1.73
N PHE A 122 24.95 0.25 -2.22
CA PHE A 122 25.74 -0.98 -2.24
C PHE A 122 25.96 -1.42 -3.69
N PRO A 123 27.20 -1.62 -4.11
CA PRO A 123 27.45 -2.19 -5.44
C PRO A 123 27.09 -3.66 -5.45
N PRO A 124 27.05 -4.29 -6.63
CA PRO A 124 26.80 -5.74 -6.65
C PRO A 124 27.90 -6.50 -5.92
N SER A 125 27.48 -7.47 -5.12
CA SER A 125 28.44 -8.32 -4.43
C SER A 125 29.16 -9.23 -5.42
N SER A 126 30.25 -9.78 -4.95
CA SER A 126 30.98 -10.72 -5.75
C SER A 126 30.18 -12.01 -5.96
N GLU A 127 29.44 -12.50 -4.97
CA GLU A 127 28.64 -13.71 -5.19
C GLU A 127 27.69 -13.43 -6.33
N GLU A 128 27.13 -12.25 -6.33
CA GLU A 128 26.18 -11.88 -7.31
C GLU A 128 26.74 -11.83 -8.71
N LEU A 129 27.85 -11.14 -8.87
CA LEU A 129 28.46 -11.02 -10.19
C LEU A 129 28.93 -12.37 -10.71
N GLN A 130 29.45 -13.22 -9.82
CA GLN A 130 29.85 -14.56 -10.21
C GLN A 130 28.67 -15.40 -10.65
N ALA A 131 27.45 -15.01 -10.29
CA ALA A 131 26.24 -15.67 -10.75
C ALA A 131 25.56 -14.93 -11.88
N ASN A 132 26.24 -13.95 -12.49
CA ASN A 132 25.72 -13.17 -13.61
C ASN A 132 24.50 -12.34 -13.21
N LYS A 133 24.52 -11.82 -11.99
CA LYS A 133 23.54 -10.83 -11.55
C LYS A 133 24.28 -9.60 -11.03
N ALA A 134 23.61 -8.46 -11.04
CA ALA A 134 24.25 -7.19 -10.70
C ALA A 134 23.25 -6.23 -10.06
N THR A 135 22.51 -6.72 -9.07
CA THR A 135 21.52 -5.88 -8.39
C THR A 135 22.21 -4.92 -7.43
N LEU A 136 21.83 -3.65 -7.50
CA LEU A 136 22.26 -2.63 -6.56
C LEU A 136 21.15 -2.37 -5.55
N VAL A 137 21.54 -2.04 -4.33
CA VAL A 137 20.58 -1.75 -3.26
C VAL A 137 20.91 -0.40 -2.64
N CYS A 138 19.89 0.45 -2.51
CA CYS A 138 20.01 1.76 -1.88
C CYS A 138 19.24 1.70 -0.57
N LEU A 139 19.96 1.66 0.55
CA LEU A 139 19.34 1.62 1.87
C LEU A 139 19.10 3.04 2.37
N ILE A 140 17.87 3.31 2.79
CA ILE A 140 17.43 4.63 3.23
C ILE A 140 16.85 4.49 4.63
N SER A 141 17.47 5.14 5.61
CA SER A 141 17.13 4.92 7.01
C SER A 141 17.12 6.25 7.77
N ASP A 142 16.46 6.20 8.94
CA ASP A 142 16.53 7.27 9.94
C ASP A 142 15.94 8.59 9.44
N PHE A 143 14.82 8.52 8.73
CA PHE A 143 14.16 9.73 8.26
C PHE A 143 12.76 9.83 8.84
N TYR A 144 12.23 11.06 8.81
CA TYR A 144 10.91 11.38 9.32
C TYR A 144 10.46 12.72 8.72
N PRO A 145 9.22 12.81 8.24
CA PRO A 145 8.19 11.75 8.20
C PRO A 145 8.49 10.63 7.20
N GLY A 146 7.62 9.63 7.14
CA GLY A 146 7.89 8.43 6.36
C GLY A 146 7.57 8.51 4.88
N ALA A 147 8.15 9.47 4.18
CA ALA A 147 7.96 9.60 2.74
C ALA A 147 9.26 10.08 2.10
N VAL A 148 9.71 9.37 1.06
CA VAL A 148 10.89 9.76 0.30
C VAL A 148 10.62 9.53 -1.17
N THR A 149 11.43 10.19 -2.01
CA THR A 149 11.42 9.99 -3.45
C THR A 149 12.80 9.51 -3.87
N VAL A 150 12.84 8.43 -4.65
CA VAL A 150 14.09 7.80 -5.06
C VAL A 150 14.21 7.87 -6.57
N ALA A 151 15.38 8.28 -7.05
CA ALA A 151 15.69 8.30 -8.47
C ALA A 151 17.10 7.74 -8.67
N TRP A 152 17.22 6.81 -9.60
CA TRP A 152 18.52 6.21 -9.93
C TRP A 152 19.10 6.90 -11.15
N LYS A 153 20.41 6.76 -11.33
CA LYS A 153 21.08 7.30 -12.50
C LYS A 153 22.27 6.42 -12.88
N ALA A 154 22.58 6.44 -14.17
CA ALA A 154 23.75 5.76 -14.73
C ALA A 154 24.56 6.77 -15.51
N ASP A 155 25.75 7.11 -15.02
CA ASP A 155 26.60 8.14 -15.61
C ASP A 155 25.84 9.47 -15.72
N GLY A 156 25.10 9.82 -14.70
CA GLY A 156 24.35 11.05 -14.74
C GLY A 156 23.22 11.10 -15.75
N SER A 157 22.67 9.95 -16.10
CA SER A 157 21.58 9.84 -17.05
C SER A 157 20.49 9.10 -16.34
N PRO A 158 19.22 9.41 -16.74
CA PRO A 158 18.16 8.72 -15.99
C PRO A 158 18.04 7.27 -16.31
N VAL A 159 17.61 6.52 -15.32
CA VAL A 159 17.39 5.10 -15.44
C VAL A 159 16.08 4.86 -14.77
N LYS A 160 15.08 4.41 -15.50
CA LYS A 160 13.80 4.15 -14.86
C LYS A 160 13.48 2.69 -14.85
N ALA A 161 14.02 1.96 -15.79
CA ALA A 161 13.63 0.56 -15.84
C ALA A 161 14.43 -0.27 -14.83
N GLY A 162 13.76 -1.25 -14.24
CA GLY A 162 14.39 -2.17 -13.31
C GLY A 162 14.43 -1.70 -11.88
N VAL A 163 13.65 -0.69 -11.51
CA VAL A 163 13.71 -0.09 -10.18
C VAL A 163 12.52 -0.59 -9.37
N GLU A 164 12.78 -0.99 -8.12
CA GLU A 164 11.74 -1.30 -7.16
C GLU A 164 12.08 -0.60 -5.85
N THR A 165 11.10 0.11 -5.29
CA THR A 165 11.26 0.81 -4.02
C THR A 165 10.17 0.36 -3.06
N THR A 166 10.56 0.06 -1.82
CA THR A 166 9.61 -0.41 -0.83
C THR A 166 8.95 0.75 -0.10
N LYS A 167 7.78 0.48 0.46
CA LYS A 167 7.08 1.47 1.25
C LYS A 167 7.78 1.66 2.60
N PRO A 168 7.96 2.90 3.05
CA PRO A 168 8.63 3.11 4.33
C PRO A 168 7.88 2.47 5.48
N SER A 169 8.65 2.01 6.47
CA SER A 169 8.09 1.40 7.67
C SER A 169 8.91 1.85 8.88
N LYS A 170 8.23 1.99 10.02
CA LYS A 170 8.89 2.47 11.23
C LYS A 170 9.80 1.39 11.80
N GLN A 171 11.00 1.79 12.20
CA GLN A 171 11.94 0.89 12.85
C GLN A 171 11.95 1.15 14.36
N SER A 172 12.87 0.45 15.05
CA SER A 172 12.86 0.50 16.51
C SER A 172 13.17 1.89 17.07
N ASN A 173 13.94 2.68 16.33
CA ASN A 173 14.24 4.04 16.76
C ASN A 173 13.13 5.04 16.46
N ASN A 174 11.94 4.56 16.08
CA ASN A 174 10.78 5.35 15.69
C ASN A 174 11.02 6.23 14.47
N LYS A 175 12.08 5.99 13.72
CA LYS A 175 12.25 6.64 12.43
C LYS A 175 11.92 5.64 11.33
N TYR A 176 11.90 6.12 10.09
CA TYR A 176 11.47 5.30 8.98
C TYR A 176 12.67 4.78 8.20
N ALA A 177 12.49 3.60 7.62
CA ALA A 177 13.49 2.99 6.77
C ALA A 177 12.80 2.45 5.52
N ALA A 178 13.56 2.41 4.44
CA ALA A 178 13.09 1.84 3.17
C ALA A 178 14.31 1.49 2.35
N SER A 179 14.08 0.74 1.28
CA SER A 179 15.15 0.39 0.36
C SER A 179 14.64 0.47 -1.07
N SER A 180 15.54 0.80 -1.98
CA SER A 180 15.30 0.72 -3.42
C SER A 180 16.39 -0.14 -4.03
N TYR A 181 16.01 -1.08 -4.88
CA TYR A 181 16.98 -1.91 -5.57
C TYR A 181 16.81 -1.80 -7.08
N LEU A 182 17.93 -1.91 -7.78
CA LEU A 182 18.01 -1.74 -9.23
C LEU A 182 18.57 -3.01 -9.84
N SER A 183 17.75 -3.75 -10.57
CA SER A 183 18.18 -4.99 -11.19
C SER A 183 18.97 -4.67 -12.45
N LEU A 184 20.21 -5.08 -12.51
CA LEU A 184 21.03 -4.82 -13.64
C LEU A 184 21.71 -6.07 -14.11
N THR A 185 21.92 -6.19 -15.40
CA THR A 185 22.79 -7.25 -15.87
C THR A 185 24.25 -6.83 -15.64
N PRO A 186 25.16 -7.80 -15.50
CA PRO A 186 26.58 -7.42 -15.37
C PRO A 186 27.08 -6.58 -16.53
N GLU A 187 26.58 -6.81 -17.74
CA GLU A 187 27.01 -5.99 -18.88
C GLU A 187 26.63 -4.53 -18.68
N GLN A 188 25.42 -4.27 -18.20
CA GLN A 188 25.03 -2.90 -17.88
C GLN A 188 25.91 -2.31 -16.80
N TRP A 189 26.20 -3.10 -15.77
CA TRP A 189 27.00 -2.63 -14.64
C TRP A 189 28.40 -2.23 -15.09
N LYS A 190 29.05 -3.08 -15.89
CA LYS A 190 30.43 -2.86 -16.28
C LYS A 190 30.60 -1.92 -17.47
N SER A 191 29.52 -1.63 -18.20
CA SER A 191 29.60 -0.72 -19.35
C SER A 191 29.42 0.74 -18.97
N HIS A 192 29.08 1.03 -17.71
CA HIS A 192 28.95 2.40 -17.23
C HIS A 192 30.06 2.71 -16.24
N ARG A 193 30.36 4.00 -16.11
CA ARG A 193 31.40 4.42 -15.16
C ARG A 193 30.89 4.50 -13.73
N SER A 194 29.59 4.70 -13.53
CA SER A 194 29.03 4.75 -12.19
C SER A 194 27.52 4.63 -12.26
N TYR A 195 26.93 4.27 -11.12
CA TYR A 195 25.49 4.33 -10.90
C TYR A 195 25.23 5.12 -9.63
N SER A 196 24.09 5.81 -9.58
CA SER A 196 23.78 6.70 -8.47
C SER A 196 22.37 6.47 -7.96
N CYS A 197 22.22 6.55 -6.65
CA CYS A 197 20.92 6.58 -5.99
C CYS A 197 20.71 7.96 -5.40
N GLN A 198 19.68 8.66 -5.87
CA GLN A 198 19.35 10.00 -5.42
C GLN A 198 18.04 9.94 -4.63
N VAL A 199 18.10 10.39 -3.38
CA VAL A 199 16.97 10.32 -2.46
C VAL A 199 16.57 11.74 -2.07
N THR A 200 15.31 12.08 -2.26
CA THR A 200 14.77 13.40 -1.93
C THR A 200 13.81 13.27 -0.77
N HIS A 201 13.98 14.14 0.23
CA HIS A 201 13.13 14.15 1.42
C HIS A 201 12.94 15.59 1.85
N GLU A 202 11.69 16.04 1.90
CA GLU A 202 11.35 17.41 2.30
C GLU A 202 12.10 18.44 1.46
N GLY A 203 12.17 18.19 0.15
CA GLY A 203 12.86 19.09 -0.75
C GLY A 203 14.37 19.05 -0.70
N SER A 204 14.95 18.28 0.22
CA SER A 204 16.39 18.13 0.33
C SER A 204 16.82 16.82 -0.30
N THR A 205 17.94 16.84 -1.01
CA THR A 205 18.35 15.75 -1.88
C THR A 205 19.74 15.25 -1.50
N VAL A 206 19.88 13.93 -1.40
CA VAL A 206 21.16 13.28 -1.15
C VAL A 206 21.40 12.27 -2.29
N GLU A 207 22.59 12.31 -2.87
CA GLU A 207 22.95 11.39 -3.95
C GLU A 207 24.23 10.66 -3.58
N LYS A 208 24.19 9.34 -3.63
CA LYS A 208 25.36 8.50 -3.45
C LYS A 208 25.70 7.81 -4.76
N THR A 209 26.99 7.59 -4.99
CA THR A 209 27.49 7.05 -6.24
C THR A 209 28.34 5.82 -5.95
N VAL A 210 28.35 4.89 -6.89
CA VAL A 210 29.06 3.65 -6.80
C VAL A 210 29.60 3.25 -8.16
N ALA A 211 30.72 2.55 -8.20
CA ALA A 211 31.38 2.27 -9.46
C ALA A 211 31.97 0.87 -9.47
N PRO A 212 32.12 0.26 -10.66
CA PRO A 212 32.74 -1.06 -10.73
C PRO A 212 34.21 -1.02 -10.30
N THR A 213 34.65 -2.10 -9.68
CA THR A 213 36.03 -2.21 -9.21
C THR A 213 36.68 -3.49 -9.75
N PCA B 1 -27.28 9.84 5.10
CA PCA B 1 -25.96 9.28 5.38
CB PCA B 1 -25.57 9.55 6.83
CG PCA B 1 -26.82 9.97 7.56
CD PCA B 1 -27.78 10.24 6.42
OE PCA B 1 -28.87 10.75 6.61
C PCA B 1 -25.92 7.78 5.15
O PCA B 1 -24.85 7.18 5.12
N SER B 2 -27.10 7.18 4.98
CA SER B 2 -27.23 5.73 4.87
C SER B 2 -26.56 5.16 3.61
N ALA B 3 -25.89 4.03 3.80
CA ALA B 3 -25.32 3.25 2.71
C ALA B 3 -25.02 1.85 3.23
N LEU B 4 -25.10 0.86 2.33
CA LEU B 4 -24.71 -0.49 2.67
C LEU B 4 -23.19 -0.61 2.54
N THR B 5 -22.55 -1.16 3.57
CA THR B 5 -21.09 -1.20 3.64
C THR B 5 -20.56 -2.43 2.91
N GLN B 6 -19.68 -2.21 1.95
CA GLN B 6 -19.01 -3.26 1.22
C GLN B 6 -17.51 -3.04 1.27
N PRO B 7 -16.72 -4.10 1.29
CA PRO B 7 -15.26 -3.93 1.17
C PRO B 7 -14.90 -3.31 -0.16
N ALA B 8 -13.91 -2.41 -0.13
CA ALA B 8 -13.56 -1.68 -1.34
C ALA B 8 -13.09 -2.61 -2.44
N SER B 9 -12.33 -3.65 -2.11
CA SER B 9 -11.86 -4.58 -3.11
C SER B 9 -11.52 -5.92 -2.47
N VAL B 10 -11.74 -6.98 -3.23
CA VAL B 10 -11.26 -8.33 -2.91
C VAL B 10 -10.60 -8.90 -4.15
N SER B 11 -9.88 -10.00 -3.97
CA SER B 11 -9.26 -10.69 -5.09
C SER B 11 -9.29 -12.19 -4.86
N GLY B 12 -9.38 -12.93 -5.96
CA GLY B 12 -9.39 -14.37 -5.92
C GLY B 12 -8.68 -14.94 -7.13
N SER B 13 -8.32 -16.21 -7.02
CA SER B 13 -7.62 -16.90 -8.09
C SER B 13 -8.62 -17.54 -9.05
N PRO B 14 -8.27 -17.67 -10.33
CA PRO B 14 -9.15 -18.34 -11.28
C PRO B 14 -9.54 -19.74 -10.81
N GLY B 15 -10.83 -20.04 -10.91
CA GLY B 15 -11.35 -21.32 -10.50
C GLY B 15 -11.83 -21.42 -9.06
N GLN B 16 -11.38 -20.53 -8.19
CA GLN B 16 -11.76 -20.57 -6.78
C GLN B 16 -13.05 -19.77 -6.56
N SER B 17 -13.54 -19.78 -5.34
CA SER B 17 -14.76 -19.09 -4.96
C SER B 17 -14.46 -17.96 -3.99
N ILE B 18 -15.15 -16.83 -4.17
CA ILE B 18 -15.04 -15.69 -3.28
C ILE B 18 -16.45 -15.29 -2.84
N THR B 19 -16.51 -14.53 -1.74
CA THR B 19 -17.78 -14.10 -1.17
C THR B 19 -17.68 -12.64 -0.76
N ILE B 20 -18.52 -11.80 -1.34
CA ILE B 20 -18.59 -10.39 -0.99
C ILE B 20 -19.65 -10.20 0.08
N SER B 21 -19.35 -9.38 1.09
CA SER B 21 -20.32 -9.06 2.13
C SER B 21 -20.95 -7.71 1.85
N CYS B 22 -22.13 -7.50 2.45
CA CYS B 22 -22.92 -6.29 2.24
C CYS B 22 -23.70 -6.05 3.54
N THR B 23 -23.22 -5.10 4.34
CA THR B 23 -23.72 -4.92 5.70
C THR B 23 -24.67 -3.72 5.75
N GLY B 24 -25.91 -3.98 6.16
CA GLY B 24 -26.89 -2.92 6.36
C GLY B 24 -27.37 -2.88 7.80
N THR B 25 -28.63 -2.53 8.01
CA THR B 25 -29.23 -2.43 9.34
C THR B 25 -30.45 -3.34 9.42
N SER B 26 -31.05 -3.37 10.62
CA SER B 26 -32.29 -4.12 10.83
C SER B 26 -33.48 -3.47 10.15
N SER B 27 -33.33 -2.26 9.61
CA SER B 27 -34.40 -1.57 8.91
C SER B 27 -34.33 -1.71 7.39
N ASP B 28 -33.29 -2.36 6.87
CA ASP B 28 -33.20 -2.60 5.43
C ASP B 28 -32.85 -4.05 5.13
N VAL B 29 -31.56 -4.40 5.17
CA VAL B 29 -31.14 -5.77 4.83
C VAL B 29 -31.77 -6.76 5.80
N GLY B 30 -31.77 -6.45 7.10
CA GLY B 30 -32.33 -7.34 8.09
C GLY B 30 -33.84 -7.35 8.17
N ALA B 31 -34.51 -6.39 7.53
CA ALA B 31 -35.96 -6.27 7.64
C ALA B 31 -36.73 -6.97 6.53
N TYR B 32 -36.16 -7.11 5.33
CA TYR B 32 -36.90 -7.61 4.19
C TYR B 32 -36.06 -8.64 3.44
N ASN B 33 -36.73 -9.39 2.56
CA ASN B 33 -36.10 -10.35 1.66
C ASN B 33 -35.88 -9.72 0.29
N LEU B 34 -35.32 -8.51 0.27
CA LEU B 34 -35.31 -7.66 -0.92
C LEU B 34 -33.91 -7.08 -1.16
N VAL B 35 -32.91 -7.95 -1.24
CA VAL B 35 -31.55 -7.54 -1.54
C VAL B 35 -31.24 -7.91 -2.98
N SER B 36 -30.71 -6.96 -3.75
CA SER B 36 -30.30 -7.20 -5.12
C SER B 36 -28.78 -7.02 -5.24
N TRP B 37 -28.22 -7.62 -6.29
CA TRP B 37 -26.79 -7.52 -6.58
C TRP B 37 -26.61 -7.17 -8.05
N TYR B 38 -25.73 -6.22 -8.33
CA TYR B 38 -25.44 -5.79 -9.69
C TYR B 38 -23.95 -5.94 -9.98
N GLN B 39 -23.65 -6.26 -11.24
CA GLN B 39 -22.29 -6.32 -11.74
C GLN B 39 -22.13 -5.26 -12.83
N GLN B 40 -21.05 -4.49 -12.75
CA GLN B 40 -20.77 -3.45 -13.75
C GLN B 40 -19.32 -3.54 -14.18
N HIS B 41 -19.11 -3.70 -15.47
CA HIS B 41 -17.81 -3.50 -16.10
C HIS B 41 -17.66 -2.02 -16.46
N PRO B 42 -16.43 -1.50 -16.48
CA PRO B 42 -16.24 -0.07 -16.71
C PRO B 42 -16.82 0.38 -18.04
N GLY B 43 -17.58 1.48 -18.00
CA GLY B 43 -18.19 2.02 -19.20
C GLY B 43 -19.35 1.24 -19.75
N LYS B 44 -19.88 0.26 -19.01
CA LYS B 44 -20.98 -0.56 -19.46
C LYS B 44 -22.17 -0.43 -18.51
N THR B 45 -23.34 -0.81 -18.94
CA THR B 45 -24.49 -0.71 -18.07
C THR B 45 -24.52 -1.86 -17.09
N PRO B 46 -24.94 -1.55 -15.90
CA PRO B 46 -24.94 -2.60 -14.86
C PRO B 46 -25.87 -3.75 -15.21
N LYS B 47 -25.53 -4.92 -14.69
CA LYS B 47 -26.26 -6.16 -14.97
C LYS B 47 -26.77 -6.74 -13.66
N LEU B 48 -28.09 -6.94 -13.58
CA LEU B 48 -28.66 -7.57 -12.39
C LEU B 48 -28.26 -9.03 -12.33
N LEU B 49 -27.64 -9.43 -11.21
CA LEU B 49 -27.24 -10.80 -10.97
C LEU B 49 -28.19 -11.54 -10.04
N ILE B 50 -28.65 -10.87 -8.99
CA ILE B 50 -29.46 -11.49 -7.95
C ILE B 50 -30.51 -10.48 -7.50
N TYR B 51 -31.73 -10.96 -7.27
CA TYR B 51 -32.77 -10.15 -6.66
C TYR B 51 -33.50 -10.99 -5.62
N GLU B 52 -34.16 -10.30 -4.69
CA GLU B 52 -34.84 -10.93 -3.57
C GLU B 52 -33.90 -11.91 -2.85
N VAL B 53 -32.69 -11.41 -2.56
CA VAL B 53 -31.66 -12.08 -1.78
C VAL B 53 -30.98 -13.16 -2.60
N SER B 54 -31.77 -14.08 -3.18
CA SER B 54 -31.14 -15.24 -3.81
C SER B 54 -31.74 -15.68 -5.15
N LYS B 55 -32.68 -14.94 -5.73
CA LYS B 55 -33.25 -15.34 -7.02
C LYS B 55 -32.36 -14.89 -8.16
N ARG B 56 -32.19 -15.78 -9.14
CA ARG B 56 -31.28 -15.54 -10.26
C ARG B 56 -32.09 -15.29 -11.53
N PRO B 57 -31.93 -14.16 -12.19
CA PRO B 57 -32.59 -13.97 -13.48
C PRO B 57 -32.08 -14.97 -14.51
N SER B 58 -32.92 -15.23 -15.51
CA SER B 58 -32.50 -16.07 -16.63
C SER B 58 -31.38 -15.38 -17.39
N GLY B 59 -30.42 -16.17 -17.86
CA GLY B 59 -29.25 -15.63 -18.53
C GLY B 59 -28.09 -15.30 -17.62
N VAL B 60 -28.28 -15.36 -16.31
CA VAL B 60 -27.19 -15.18 -15.35
C VAL B 60 -26.63 -16.56 -15.00
N SER B 61 -25.31 -16.69 -15.06
CA SER B 61 -24.67 -17.96 -14.75
C SER B 61 -24.98 -18.38 -13.32
N ASN B 62 -25.13 -19.69 -13.10
CA ASN B 62 -25.40 -20.19 -11.76
C ASN B 62 -24.17 -20.16 -10.86
N ARG B 63 -23.02 -19.71 -11.38
CA ARG B 63 -21.86 -19.47 -10.52
C ARG B 63 -22.11 -18.35 -9.54
N PHE B 64 -23.06 -17.47 -9.82
CA PHE B 64 -23.44 -16.41 -8.90
C PHE B 64 -24.58 -16.88 -8.02
N SER B 65 -24.45 -16.67 -6.71
CA SER B 65 -25.48 -17.04 -5.76
C SER B 65 -25.52 -16.01 -4.64
N GLY B 66 -26.72 -15.79 -4.11
CA GLY B 66 -26.92 -14.81 -3.07
C GLY B 66 -27.49 -15.44 -1.81
N SER B 67 -27.21 -14.81 -0.67
CA SER B 67 -27.74 -15.23 0.61
C SER B 67 -27.74 -14.03 1.54
N LYS B 68 -28.29 -14.23 2.74
CA LYS B 68 -28.24 -13.19 3.76
C LYS B 68 -28.40 -13.84 5.12
N SER B 69 -27.87 -13.16 6.14
CA SER B 69 -27.96 -13.62 7.52
C SER B 69 -27.96 -12.40 8.42
N GLY B 70 -29.05 -12.20 9.13
CA GLY B 70 -29.18 -11.00 9.95
C GLY B 70 -29.21 -9.76 9.07
N ASN B 71 -28.35 -8.80 9.40
CA ASN B 71 -28.27 -7.53 8.69
C ASN B 71 -27.17 -7.52 7.63
N THR B 72 -26.63 -8.69 7.27
CA THR B 72 -25.55 -8.77 6.30
C THR B 72 -25.94 -9.73 5.18
N ALA B 73 -25.82 -9.26 3.95
CA ALA B 73 -26.05 -10.07 2.75
C ALA B 73 -24.73 -10.43 2.10
N SER B 74 -24.75 -11.51 1.33
CA SER B 74 -23.53 -12.03 0.72
C SER B 74 -23.78 -12.47 -0.71
N LEU B 75 -22.82 -12.17 -1.58
CA LEU B 75 -22.79 -12.69 -2.94
C LEU B 75 -21.57 -13.59 -3.09
N THR B 76 -21.78 -14.79 -3.63
CA THR B 76 -20.70 -15.75 -3.83
C THR B 76 -20.53 -15.99 -5.34
N ILE B 77 -19.30 -15.94 -5.81
CA ILE B 77 -18.96 -16.24 -7.19
C ILE B 77 -18.12 -17.50 -7.19
N SER B 78 -18.68 -18.59 -7.70
CA SER B 78 -17.97 -19.86 -7.81
C SER B 78 -17.27 -19.95 -9.17
N GLY B 79 -16.22 -20.77 -9.21
CA GLY B 79 -15.43 -20.94 -10.41
C GLY B 79 -14.99 -19.63 -11.03
N LEU B 80 -14.22 -18.85 -10.28
CA LEU B 80 -13.87 -17.49 -10.68
C LEU B 80 -13.19 -17.49 -12.05
N GLN B 81 -13.61 -16.58 -12.91
CA GLN B 81 -13.12 -16.45 -14.26
C GLN B 81 -12.64 -15.02 -14.50
N PRO B 82 -11.77 -14.81 -15.50
CA PRO B 82 -11.30 -13.44 -15.75
C PRO B 82 -12.41 -12.46 -16.05
N GLU B 83 -13.44 -12.89 -16.78
CA GLU B 83 -14.58 -12.04 -17.09
C GLU B 83 -15.31 -11.57 -15.84
N ASP B 84 -15.15 -12.26 -14.71
CA ASP B 84 -15.80 -11.87 -13.47
C ASP B 84 -15.17 -10.63 -12.85
N GLU B 85 -14.01 -10.18 -13.33
CA GLU B 85 -13.39 -8.97 -12.81
C GLU B 85 -14.25 -7.76 -13.12
N ALA B 86 -14.86 -7.15 -12.10
CA ALA B 86 -15.77 -6.04 -12.28
C ALA B 86 -16.06 -5.44 -10.90
N ASP B 87 -16.89 -4.40 -10.89
CA ASP B 87 -17.42 -3.85 -9.65
C ASP B 87 -18.78 -4.49 -9.35
N TYR B 88 -19.03 -4.76 -8.08
CA TYR B 88 -20.27 -5.41 -7.66
C TYR B 88 -20.93 -4.56 -6.58
N TYR B 89 -22.22 -4.30 -6.76
CA TYR B 89 -22.99 -3.45 -5.86
C TYR B 89 -24.20 -4.20 -5.35
N CYS B 90 -24.46 -4.04 -4.05
CA CYS B 90 -25.67 -4.55 -3.42
C CYS B 90 -26.63 -3.39 -3.15
N CYS B 91 -27.91 -3.73 -3.02
CA CYS B 91 -28.91 -2.76 -2.64
C CYS B 91 -30.04 -3.48 -1.93
N SER B 92 -30.79 -2.73 -1.12
CA SER B 92 -31.89 -3.30 -0.36
C SER B 92 -32.99 -2.27 -0.23
N ASN B 93 -34.23 -2.76 -0.14
CA ASN B 93 -35.33 -1.88 0.26
C ASN B 93 -35.10 -1.38 1.67
N ALA B 94 -35.42 -0.11 1.89
CA ALA B 94 -35.46 0.47 3.24
C ALA B 94 -36.89 0.76 3.67
N GLY B 95 -37.86 0.18 2.99
CA GLY B 95 -39.25 0.58 3.11
C GLY B 95 -39.95 0.26 1.80
N SER B 96 -41.24 0.60 1.76
CA SER B 96 -42.04 0.26 0.60
C SER B 96 -41.51 0.94 -0.67
N TYR B 97 -41.16 2.23 -0.57
CA TYR B 97 -40.75 3.00 -1.73
C TYR B 97 -39.33 3.56 -1.61
N THR B 98 -38.54 3.10 -0.64
CA THR B 98 -37.19 3.61 -0.43
C THR B 98 -36.18 2.47 -0.57
N HIS B 99 -34.96 2.83 -0.99
CA HIS B 99 -33.92 1.84 -1.27
C HIS B 99 -32.56 2.40 -0.86
N VAL B 100 -31.71 1.53 -0.33
CA VAL B 100 -30.34 1.89 0.04
C VAL B 100 -29.40 1.08 -0.84
N PHE B 101 -28.32 1.70 -1.29
CA PHE B 101 -27.33 1.03 -2.13
C PHE B 101 -26.02 0.87 -1.38
N GLY B 102 -25.21 -0.07 -1.88
CA GLY B 102 -23.91 -0.32 -1.31
C GLY B 102 -22.81 0.48 -1.95
N THR B 103 -21.70 0.63 -1.22
CA THR B 103 -20.58 1.43 -1.68
C THR B 103 -19.76 0.75 -2.77
N GLY B 104 -19.96 -0.54 -3.02
CA GLY B 104 -19.34 -1.20 -4.14
C GLY B 104 -18.09 -1.96 -3.78
N THR B 105 -17.86 -3.06 -4.48
CA THR B 105 -16.68 -3.90 -4.28
C THR B 105 -16.05 -4.20 -5.63
N LYS B 106 -14.79 -3.84 -5.79
CA LYS B 106 -14.02 -4.28 -6.95
C LYS B 106 -13.56 -5.70 -6.74
N VAL B 107 -13.89 -6.59 -7.67
CA VAL B 107 -13.44 -7.97 -7.66
C VAL B 107 -12.34 -8.10 -8.70
N THR B 108 -11.10 -8.29 -8.24
CA THR B 108 -9.97 -8.54 -9.12
C THR B 108 -9.68 -10.03 -9.16
N VAL B 109 -9.36 -10.54 -10.35
CA VAL B 109 -9.10 -11.95 -10.57
C VAL B 109 -7.65 -12.10 -10.99
N LEU B 110 -6.86 -12.78 -10.17
CA LEU B 110 -5.40 -12.78 -10.35
C LEU B 110 -4.82 -14.01 -9.67
N VAL B 111 -4.06 -14.81 -10.41
CA VAL B 111 -3.33 -15.90 -9.80
C VAL B 111 -2.19 -15.31 -8.97
N GLN B 112 -2.09 -15.74 -7.72
CA GLN B 112 -1.07 -15.27 -6.80
C GLN B 112 -0.45 -16.48 -6.12
N PRO B 113 0.40 -17.21 -6.83
CA PRO B 113 1.02 -18.40 -6.23
C PRO B 113 2.03 -18.03 -5.16
N LYS B 114 2.26 -18.97 -4.26
CA LYS B 114 3.34 -18.81 -3.29
C LYS B 114 4.68 -18.70 -4.02
N ALA B 115 5.60 -17.98 -3.42
CA ALA B 115 6.94 -17.81 -3.99
C ALA B 115 7.93 -17.64 -2.84
N ASN B 116 8.98 -18.43 -2.86
CA ASN B 116 10.01 -18.26 -1.84
C ASN B 116 10.94 -17.11 -2.23
N PRO B 117 11.49 -16.40 -1.24
CA PRO B 117 12.20 -15.15 -1.55
C PRO B 117 13.58 -15.39 -2.16
N THR B 118 13.98 -14.45 -3.01
CA THR B 118 15.37 -14.34 -3.42
C THR B 118 16.12 -13.53 -2.37
N VAL B 119 17.29 -14.01 -1.96
CA VAL B 119 18.08 -13.41 -0.89
C VAL B 119 19.43 -13.01 -1.43
N THR B 120 19.77 -11.72 -1.29
CA THR B 120 21.08 -11.21 -1.69
C THR B 120 21.69 -10.50 -0.49
N LEU B 121 22.89 -10.93 -0.09
CA LEU B 121 23.57 -10.38 1.07
C LEU B 121 24.70 -9.47 0.61
N PHE B 122 24.68 -8.22 1.08
CA PHE B 122 25.65 -7.23 0.66
C PHE B 122 26.63 -6.92 1.80
N PRO B 123 27.93 -7.01 1.56
CA PRO B 123 28.90 -6.58 2.56
C PRO B 123 29.01 -5.07 2.59
N PRO B 124 29.70 -4.49 3.57
CA PRO B 124 29.78 -3.02 3.65
C PRO B 124 30.42 -2.42 2.39
N SER B 125 29.93 -1.24 2.01
CA SER B 125 30.46 -0.56 0.84
C SER B 125 31.68 0.26 1.22
N SER B 126 32.46 0.65 0.20
CA SER B 126 33.72 1.33 0.43
C SER B 126 33.52 2.69 1.09
N GLU B 127 32.65 3.52 0.51
CA GLU B 127 32.38 4.84 1.09
C GLU B 127 31.88 4.72 2.52
N GLU B 128 31.07 3.71 2.80
CA GLU B 128 30.55 3.51 4.16
C GLU B 128 31.68 3.24 5.15
N LEU B 129 32.64 2.38 4.76
CA LEU B 129 33.74 2.04 5.66
C LEU B 129 34.62 3.25 5.94
N GLN B 130 34.84 4.10 4.93
CA GLN B 130 35.65 5.29 5.13
C GLN B 130 34.97 6.31 6.04
N ALA B 131 33.64 6.18 6.22
CA ALA B 131 32.91 6.98 7.19
C ALA B 131 32.71 6.24 8.51
N ASN B 132 33.50 5.19 8.74
CA ASN B 132 33.48 4.43 10.00
C ASN B 132 32.11 3.81 10.27
N LYS B 133 31.56 3.18 9.24
CA LYS B 133 30.31 2.44 9.35
C LYS B 133 30.42 1.22 8.46
N ALA B 134 29.69 0.17 8.79
CA ALA B 134 29.81 -1.12 8.11
C ALA B 134 28.49 -1.87 8.10
N THR B 135 27.43 -1.20 7.64
CA THR B 135 26.11 -1.83 7.61
C THR B 135 26.06 -2.91 6.54
N LEU B 136 25.54 -4.06 6.93
CA LEU B 136 25.25 -5.15 6.00
C LEU B 136 23.77 -5.08 5.64
N VAL B 137 23.45 -5.40 4.39
CA VAL B 137 22.07 -5.38 3.92
C VAL B 137 21.73 -6.74 3.35
N CYS B 138 20.60 -7.29 3.79
CA CYS B 138 20.04 -8.53 3.26
C CYS B 138 18.80 -8.17 2.46
N LEU B 139 18.90 -8.29 1.14
CA LEU B 139 17.78 -7.96 0.26
C LEU B 139 16.93 -9.19 0.03
N ILE B 140 15.64 -9.06 0.31
CA ILE B 140 14.69 -10.17 0.28
C ILE B 140 13.56 -9.78 -0.67
N SER B 141 13.45 -10.47 -1.80
CA SER B 141 12.58 -10.03 -2.88
C SER B 141 11.81 -11.19 -3.47
N ASP B 142 10.72 -10.85 -4.17
CA ASP B 142 9.95 -11.78 -5.00
C ASP B 142 9.35 -12.93 -4.20
N PHE B 143 8.77 -12.63 -3.04
CA PHE B 143 8.14 -13.67 -2.25
C PHE B 143 6.66 -13.37 -2.04
N TYR B 144 5.92 -14.45 -1.83
CA TYR B 144 4.47 -14.39 -1.56
C TYR B 144 4.07 -15.60 -0.73
N PRO B 145 3.23 -15.39 0.31
CA PRO B 145 2.69 -14.09 0.74
C PRO B 145 3.71 -13.22 1.48
N GLY B 146 3.27 -12.05 1.91
CA GLY B 146 4.17 -11.04 2.45
C GLY B 146 4.53 -11.19 3.92
N ALA B 147 5.11 -12.33 4.27
CA ALA B 147 5.59 -12.57 5.63
C ALA B 147 6.86 -13.40 5.57
N VAL B 148 7.93 -12.89 6.18
CA VAL B 148 9.19 -13.61 6.29
C VAL B 148 9.73 -13.47 7.71
N THR B 149 10.66 -14.35 8.06
CA THR B 149 11.37 -14.29 9.32
C THR B 149 12.86 -14.26 9.03
N VAL B 150 13.55 -13.22 9.52
CA VAL B 150 14.96 -13.00 9.24
C VAL B 150 15.75 -13.24 10.51
N ALA B 151 16.83 -14.01 10.40
CA ALA B 151 17.75 -14.24 11.51
C ALA B 151 19.16 -13.99 11.01
N TRP B 152 19.93 -13.22 11.77
CA TRP B 152 21.32 -12.94 11.44
C TRP B 152 22.25 -13.78 12.31
N LYS B 153 23.40 -14.13 11.75
CA LYS B 153 24.43 -14.86 12.46
C LYS B 153 25.78 -14.20 12.24
N ALA B 154 26.63 -14.31 13.26
CA ALA B 154 28.04 -13.95 13.16
C ALA B 154 28.83 -15.11 13.75
N ASP B 155 29.72 -15.69 12.93
CA ASP B 155 30.46 -16.90 13.31
C ASP B 155 29.50 -18.04 13.63
N GLY B 156 28.40 -18.11 12.88
CA GLY B 156 27.41 -19.14 13.11
C GLY B 156 26.59 -18.97 14.37
N SER B 157 26.73 -17.84 15.07
CA SER B 157 26.04 -17.58 16.33
C SER B 157 25.00 -16.47 16.16
N PRO B 158 23.85 -16.59 16.82
CA PRO B 158 22.77 -15.62 16.59
C PRO B 158 23.15 -14.20 17.00
N VAL B 159 22.72 -13.23 16.19
CA VAL B 159 22.96 -11.82 16.44
C VAL B 159 21.63 -11.08 16.24
N LYS B 160 21.16 -10.42 17.30
CA LYS B 160 19.94 -9.63 17.25
C LYS B 160 20.17 -8.14 17.48
N ALA B 161 21.31 -7.75 18.05
CA ALA B 161 21.58 -6.35 18.30
C ALA B 161 21.90 -5.62 17.00
N GLY B 162 21.19 -4.53 16.75
CA GLY B 162 21.49 -3.67 15.63
C GLY B 162 20.88 -4.05 14.31
N VAL B 163 19.95 -4.99 14.34
CA VAL B 163 19.22 -5.38 13.16
C VAL B 163 17.86 -4.72 13.00
N GLU B 164 17.56 -4.27 11.81
CA GLU B 164 16.22 -3.75 11.52
C GLU B 164 15.74 -4.44 10.26
N THR B 165 14.45 -4.77 10.22
CA THR B 165 13.84 -5.38 9.04
C THR B 165 12.60 -4.59 8.69
N THR B 166 12.52 -4.15 7.43
CA THR B 166 11.39 -3.36 6.98
C THR B 166 10.15 -4.24 6.80
N LYS B 167 8.99 -3.61 6.92
CA LYS B 167 7.74 -4.31 6.66
C LYS B 167 7.66 -4.65 5.19
N PRO B 168 7.38 -5.90 4.81
CA PRO B 168 7.32 -6.25 3.39
C PRO B 168 6.24 -5.46 2.68
N SER B 169 6.55 -5.02 1.46
CA SER B 169 5.64 -4.24 0.65
C SER B 169 5.55 -4.83 -0.76
N LYS B 170 4.36 -4.77 -1.33
CA LYS B 170 4.11 -5.35 -2.64
C LYS B 170 4.79 -4.53 -3.73
N GLN B 171 5.52 -5.20 -4.61
CA GLN B 171 6.21 -4.54 -5.71
C GLN B 171 5.38 -4.64 -6.99
N SER B 172 5.95 -4.15 -8.08
CA SER B 172 5.20 -4.01 -9.33
C SER B 172 4.75 -5.34 -9.91
N ASN B 173 5.40 -6.45 -9.54
CA ASN B 173 5.02 -7.78 -10.00
C ASN B 173 4.10 -8.50 -9.03
N ASN B 174 3.46 -7.77 -8.11
CA ASN B 174 2.52 -8.28 -7.11
C ASN B 174 3.18 -9.21 -6.11
N LYS B 175 4.50 -9.33 -6.12
CA LYS B 175 5.23 -10.05 -5.10
C LYS B 175 5.90 -9.08 -4.14
N TYR B 176 6.27 -9.58 -2.97
CA TYR B 176 6.73 -8.74 -1.88
C TYR B 176 8.24 -8.61 -1.87
N ALA B 177 8.71 -7.51 -1.29
CA ALA B 177 10.13 -7.24 -1.13
C ALA B 177 10.33 -6.54 0.21
N ALA B 178 11.42 -6.88 0.87
CA ALA B 178 11.83 -6.22 2.10
C ALA B 178 13.35 -6.27 2.16
N SER B 179 13.92 -5.60 3.16
CA SER B 179 15.35 -5.65 3.40
C SER B 179 15.59 -5.64 4.91
N SER B 180 16.56 -6.44 5.34
CA SER B 180 17.04 -6.44 6.72
C SER B 180 18.47 -5.94 6.72
N TYR B 181 18.77 -4.97 7.58
CA TYR B 181 20.12 -4.44 7.66
C TYR B 181 20.66 -4.57 9.08
N LEU B 182 21.96 -4.86 9.17
CA LEU B 182 22.65 -5.05 10.44
C LEU B 182 23.70 -3.96 10.58
N SER B 183 23.59 -3.17 11.65
CA SER B 183 24.49 -2.04 11.88
C SER B 183 25.69 -2.48 12.69
N LEU B 184 26.88 -2.35 12.09
CA LEU B 184 28.13 -2.71 12.73
C LEU B 184 29.11 -1.56 12.57
N THR B 185 30.11 -1.53 13.45
CA THR B 185 31.28 -0.72 13.21
C THR B 185 32.22 -1.48 12.27
N PRO B 186 33.13 -0.77 11.59
CA PRO B 186 34.14 -1.49 10.79
C PRO B 186 34.93 -2.49 11.62
N GLU B 187 35.17 -2.18 12.89
CA GLU B 187 35.91 -3.08 13.76
C GLU B 187 35.14 -4.37 14.01
N GLN B 188 33.84 -4.28 14.29
CA GLN B 188 33.01 -5.47 14.44
C GLN B 188 33.02 -6.31 13.16
N TRP B 189 32.88 -5.65 12.01
CA TRP B 189 32.85 -6.35 10.74
C TRP B 189 34.12 -7.16 10.50
N LYS B 190 35.28 -6.57 10.81
CA LYS B 190 36.55 -7.24 10.58
C LYS B 190 36.89 -8.25 11.67
N SER B 191 36.29 -8.18 12.83
CA SER B 191 36.57 -9.08 13.91
C SER B 191 35.85 -10.43 13.87
N HIS B 192 35.04 -10.64 12.86
CA HIS B 192 34.34 -11.88 12.70
C HIS B 192 34.82 -12.54 11.47
N ARG B 193 34.69 -13.84 11.44
CA ARG B 193 35.10 -14.62 10.31
C ARG B 193 33.98 -14.76 9.30
N SER B 194 32.75 -14.60 9.74
CA SER B 194 31.58 -14.90 8.93
C SER B 194 30.38 -14.11 9.42
N TYR B 195 29.53 -13.70 8.48
CA TYR B 195 28.22 -13.12 8.76
C TYR B 195 27.20 -13.76 7.84
N SER B 196 26.01 -14.06 8.38
CA SER B 196 25.02 -14.80 7.63
C SER B 196 23.65 -14.16 7.80
N CYS B 197 22.85 -14.21 6.74
CA CYS B 197 21.45 -13.82 6.77
C CYS B 197 20.60 -15.03 6.40
N GLN B 198 19.69 -15.40 7.29
CA GLN B 198 18.84 -16.57 7.12
C GLN B 198 17.39 -16.12 7.07
N VAL B 199 16.70 -16.44 5.97
CA VAL B 199 15.33 -16.01 5.73
C VAL B 199 14.43 -17.23 5.69
N THR B 200 13.39 -17.23 6.51
CA THR B 200 12.43 -18.33 6.59
C THR B 200 11.11 -17.90 5.98
N HIS B 201 10.51 -18.78 5.16
CA HIS B 201 9.26 -18.46 4.47
C HIS B 201 8.53 -19.77 4.19
N GLU B 202 7.49 -20.04 4.98
CA GLU B 202 6.59 -21.17 4.76
C GLU B 202 7.34 -22.51 4.80
N GLY B 203 8.06 -22.73 5.89
CA GLY B 203 8.83 -23.96 6.02
C GLY B 203 9.95 -24.12 5.01
N SER B 204 10.37 -23.02 4.38
CA SER B 204 11.52 -22.99 3.51
C SER B 204 12.54 -22.02 4.08
N THR B 205 13.82 -22.36 3.98
CA THR B 205 14.89 -21.57 4.57
C THR B 205 15.99 -21.34 3.56
N VAL B 206 16.43 -20.10 3.43
CA VAL B 206 17.58 -19.73 2.61
C VAL B 206 18.55 -18.96 3.48
N GLU B 207 19.81 -19.39 3.48
CA GLU B 207 20.87 -18.70 4.21
C GLU B 207 21.97 -18.29 3.24
N LYS B 208 22.37 -17.02 3.30
CA LYS B 208 23.49 -16.50 2.54
C LYS B 208 24.57 -16.06 3.53
N THR B 209 25.83 -16.26 3.16
CA THR B 209 26.97 -16.00 4.03
C THR B 209 27.98 -15.12 3.31
N VAL B 210 28.57 -14.18 4.06
CA VAL B 210 29.59 -13.28 3.53
C VAL B 210 30.69 -13.14 4.58
N ALA B 211 31.89 -12.80 4.12
CA ALA B 211 33.06 -12.70 4.98
C ALA B 211 33.91 -11.52 4.55
N PRO B 212 34.59 -10.88 5.49
CA PRO B 212 35.42 -9.72 5.15
C PRO B 212 36.59 -10.09 4.25
N THR B 213 36.94 -9.16 3.37
CA THR B 213 38.04 -9.34 2.42
C THR B 213 38.94 -8.11 2.43
NA NA C . 31.00 -7.63 17.97
NA NA D . 27.78 -16.56 10.16
#